data_7OQQ
#
_entry.id   7OQQ
#
_cell.length_a   45.280
_cell.length_b   68.540
_cell.length_c   159.800
_cell.angle_alpha   90.000
_cell.angle_beta   90.000
_cell.angle_gamma   90.000
#
_symmetry.space_group_name_H-M   'P 21 21 21'
#
loop_
_entity.id
_entity.type
_entity.pdbx_description
1 polymer 'Protein mono-ADP-ribosyltransferase PARP15'
2 non-polymer 'DIMETHYL SULFOXIDE'
3 non-polymer 4H-thieno[2,3-c]isoquinolin-5-one
4 water water
#
_entity_poly.entity_id   1
_entity_poly.type   'polypeptide(L)'
_entity_poly.pdbx_seq_one_letter_code
;NLPEHWTDMNHQLFCMVQLEPGQSEYNTIKDKFTRTCSSYAIEKIERIQNAFLWQSYQVKKRQMDIKNDHKNNERLLFHG
TDADSVPYVNQHGFNRSCAGKNAVSYGKGTYFAVDASYSAKDTYSKPDSNGRKHMYVVRVLTGVFTKGRAGLVTPPPKNP
HNPTDLFDSVTNNTRSPKLFVVFFDNQAYPEYLITFTA
;
_entity_poly.pdbx_strand_id   A,B
#
loop_
_chem_comp.id
_chem_comp.type
_chem_comp.name
_chem_comp.formula
DMS non-polymer 'DIMETHYL SULFOXIDE' 'C2 H6 O S'
G18 non-polymer 4H-thieno[2,3-c]isoquinolin-5-one 'C11 H7 N O S'
#
# COMPACT_ATOMS: atom_id res chain seq x y z
N LEU A 2 -8.99 16.26 -9.53
CA LEU A 2 -7.87 16.31 -10.55
C LEU A 2 -7.38 17.76 -10.72
N PRO A 3 -6.08 18.04 -10.50
CA PRO A 3 -5.57 19.41 -10.37
C PRO A 3 -5.80 20.32 -11.58
N GLU A 4 -5.75 21.64 -11.34
CA GLU A 4 -6.07 22.74 -12.30
C GLU A 4 -5.12 22.65 -13.50
N HIS A 5 -3.81 22.62 -13.24
CA HIS A 5 -2.70 22.65 -14.25
C HIS A 5 -2.65 21.37 -15.10
N TRP A 6 -3.33 20.30 -14.70
CA TRP A 6 -3.47 19.11 -15.58
C TRP A 6 -4.15 19.56 -16.86
N THR A 7 -3.91 18.84 -17.95
CA THR A 7 -4.53 19.09 -19.26
C THR A 7 -5.48 17.93 -19.55
N ASP A 8 -6.38 18.17 -20.50
CA ASP A 8 -7.51 17.27 -20.82
C ASP A 8 -6.97 15.90 -21.24
N MET A 9 -7.60 14.85 -20.77
CA MET A 9 -7.17 13.45 -21.04
C MET A 9 -8.23 12.71 -21.87
N ASN A 10 -9.28 13.39 -22.32
CA ASN A 10 -10.33 12.82 -23.21
C ASN A 10 -10.98 11.63 -22.51
N HIS A 11 -11.37 11.82 -21.25
CA HIS A 11 -12.08 10.82 -20.42
C HIS A 11 -11.16 9.63 -20.12
N GLN A 12 -9.83 9.81 -20.14
CA GLN A 12 -8.88 8.73 -19.76
C GLN A 12 -8.17 9.10 -18.45
N LEU A 13 -7.65 8.09 -17.77
CA LEU A 13 -7.26 8.19 -16.34
C LEU A 13 -5.75 8.27 -16.21
N PHE A 14 -5.00 8.04 -17.31
CA PHE A 14 -3.52 8.06 -17.31
C PHE A 14 -2.99 8.73 -18.57
N CYS A 15 -2.17 9.78 -18.41
CA CYS A 15 -1.42 10.42 -19.50
C CYS A 15 -0.05 10.90 -19.00
N MET A 16 1.01 10.71 -19.80
CA MET A 16 2.30 11.44 -19.64
C MET A 16 2.29 12.65 -20.57
N VAL A 17 2.46 13.86 -20.05
CA VAL A 17 2.31 15.12 -20.85
C VAL A 17 3.66 15.84 -20.86
N GLN A 18 4.32 15.87 -22.02
CA GLN A 18 5.62 16.55 -22.16
C GLN A 18 5.36 18.04 -21.96
N LEU A 19 6.13 18.69 -21.08
CA LEU A 19 6.03 20.15 -20.83
C LEU A 19 6.69 20.96 -21.96
N GLU A 20 6.19 22.18 -22.15
CA GLU A 20 6.71 23.17 -23.12
C GLU A 20 7.86 23.93 -22.46
N PRO A 21 9.09 23.89 -23.02
CA PRO A 21 10.19 24.71 -22.49
C PRO A 21 9.86 26.20 -22.44
N GLY A 22 10.43 26.92 -21.47
CA GLY A 22 10.29 28.38 -21.35
C GLY A 22 8.97 28.80 -20.72
N GLN A 23 7.97 27.91 -20.63
CA GLN A 23 6.73 28.22 -19.87
C GLN A 23 6.96 27.97 -18.38
N SER A 24 6.10 28.60 -17.59
CA SER A 24 6.13 28.72 -16.11
C SER A 24 6.34 27.36 -15.43
N GLU A 25 5.52 26.35 -15.73
CA GLU A 25 5.54 25.03 -15.05
C GLU A 25 6.92 24.36 -15.29
N TYR A 26 7.36 24.30 -16.55
CA TYR A 26 8.67 23.77 -16.98
C TYR A 26 9.75 24.55 -16.21
N ASN A 27 9.66 25.88 -16.20
CA ASN A 27 10.73 26.72 -15.59
C ASN A 27 10.84 26.39 -14.09
N THR A 28 9.70 26.20 -13.41
CA THR A 28 9.65 25.87 -11.95
C THR A 28 10.35 24.52 -11.71
N ILE A 29 9.97 23.48 -12.44
CA ILE A 29 10.54 22.12 -12.22
C ILE A 29 12.03 22.14 -12.60
N LYS A 30 12.37 22.75 -13.74
CA LYS A 30 13.76 22.88 -14.21
C LYS A 30 14.64 23.51 -13.13
N ASP A 31 14.17 24.56 -12.45
CA ASP A 31 15.03 25.28 -11.48
C ASP A 31 15.33 24.39 -10.28
N LYS A 32 14.36 23.57 -9.84
CA LYS A 32 14.51 22.75 -8.60
C LYS A 32 15.63 21.72 -8.86
N PHE A 33 15.68 21.20 -10.07
CA PHE A 33 16.73 20.27 -10.57
C PHE A 33 18.08 20.97 -10.72
N THR A 34 18.12 22.11 -11.39
CA THR A 34 19.38 22.84 -11.74
C THR A 34 19.99 23.53 -10.51
N ARG A 35 19.23 23.77 -9.45
CA ARG A 35 19.79 24.19 -8.13
C ARG A 35 21.04 23.35 -7.79
N THR A 36 21.03 22.06 -8.07
CA THR A 36 22.14 21.16 -7.65
C THR A 36 22.68 20.39 -8.84
N CYS A 37 22.06 20.47 -10.01
CA CYS A 37 22.39 19.67 -11.21
C CYS A 37 22.55 20.54 -12.45
N SER A 38 23.18 21.72 -12.33
CA SER A 38 23.33 22.70 -13.45
C SER A 38 24.28 22.16 -14.51
N SER A 39 25.14 21.21 -14.18
CA SER A 39 26.11 20.63 -15.15
C SER A 39 25.44 19.57 -16.05
N TYR A 40 24.21 19.16 -15.75
CA TYR A 40 23.51 18.12 -16.56
C TYR A 40 22.81 18.81 -17.74
N ALA A 41 22.15 18.02 -18.59
CA ALA A 41 21.37 18.51 -19.75
C ALA A 41 19.99 17.87 -19.67
N ILE A 42 18.95 18.71 -19.60
CA ILE A 42 17.52 18.28 -19.63
C ILE A 42 17.14 18.06 -21.10
N GLU A 43 16.76 16.83 -21.43
CA GLU A 43 16.17 16.45 -22.73
C GLU A 43 14.67 16.72 -22.68
N LYS A 44 14.00 16.42 -21.56
CA LYS A 44 12.58 16.81 -21.40
C LYS A 44 12.08 16.60 -19.98
N ILE A 45 10.96 17.25 -19.68
CA ILE A 45 10.21 17.10 -18.40
C ILE A 45 8.75 16.78 -18.74
N GLU A 46 8.26 15.68 -18.20
CA GLU A 46 6.90 15.17 -18.46
C GLU A 46 6.12 15.28 -17.16
N ARG A 47 4.89 15.79 -17.23
CA ARG A 47 3.94 15.75 -16.10
C ARG A 47 3.28 14.35 -16.13
N ILE A 48 3.30 13.66 -14.98
CA ILE A 48 2.59 12.37 -14.78
C ILE A 48 1.16 12.71 -14.36
N GLN A 49 0.20 12.39 -15.22
CA GLN A 49 -1.23 12.54 -14.92
C GLN A 49 -1.79 11.13 -14.70
N ASN A 50 -1.84 10.70 -13.46
CA ASN A 50 -2.37 9.37 -13.08
C ASN A 50 -3.44 9.60 -12.01
N ALA A 51 -4.71 9.60 -12.45
CA ALA A 51 -5.89 9.90 -11.64
C ALA A 51 -5.94 9.00 -10.41
N PHE A 52 -5.75 7.69 -10.56
CA PHE A 52 -5.89 6.70 -9.46
C PHE A 52 -4.83 6.98 -8.40
N LEU A 53 -3.56 7.06 -8.78
CA LEU A 53 -2.45 7.31 -7.83
C LEU A 53 -2.72 8.65 -7.15
N TRP A 54 -3.13 9.67 -7.90
CA TRP A 54 -3.43 11.02 -7.35
C TRP A 54 -4.51 10.90 -6.26
N GLN A 55 -5.59 10.18 -6.56
CA GLN A 55 -6.72 10.02 -5.64
C GLN A 55 -6.22 9.35 -4.34
N SER A 56 -5.61 8.17 -4.46
CA SER A 56 -5.06 7.40 -3.31
C SER A 56 -4.10 8.28 -2.50
N TYR A 57 -3.17 8.96 -3.16
CA TYR A 57 -2.26 9.93 -2.48
C TYR A 57 -3.04 10.99 -1.68
N GLN A 58 -3.97 11.71 -2.31
CA GLN A 58 -4.73 12.84 -1.70
C GLN A 58 -5.52 12.30 -0.50
N VAL A 59 -6.10 11.10 -0.63
CA VAL A 59 -6.78 10.41 0.50
C VAL A 59 -5.77 10.25 1.65
N LYS A 60 -4.60 9.67 1.42
CA LYS A 60 -3.57 9.55 2.49
CA LYS A 60 -3.61 9.54 2.51
C LYS A 60 -3.19 10.95 3.00
N LYS A 61 -3.13 11.95 2.12
CA LYS A 61 -2.75 13.31 2.58
C LYS A 61 -3.80 13.88 3.53
N ARG A 62 -5.09 13.66 3.26
CA ARG A 62 -6.17 14.24 4.10
C ARG A 62 -6.16 13.52 5.46
N GLN A 63 -5.91 12.21 5.44
CA GLN A 63 -5.76 11.38 6.66
C GLN A 63 -4.56 11.88 7.47
N MET A 64 -3.46 12.19 6.83
CA MET A 64 -2.25 12.62 7.58
C MET A 64 -2.45 14.05 8.11
N ASP A 65 -3.15 14.94 7.40
CA ASP A 65 -3.40 16.32 7.89
C ASP A 65 -4.27 16.24 9.15
N ILE A 66 -5.27 15.36 9.17
CA ILE A 66 -6.19 15.19 10.31
C ILE A 66 -5.36 14.62 11.46
N LYS A 67 -4.76 13.46 11.22
CA LYS A 67 -4.00 12.74 12.26
C LYS A 67 -2.96 13.69 12.86
N ASN A 68 -2.27 14.50 12.04
CA ASN A 68 -1.15 15.34 12.53
C ASN A 68 -1.63 16.74 12.88
N ASP A 69 -2.92 17.03 12.62
CA ASP A 69 -3.55 18.29 13.10
C ASP A 69 -2.70 19.48 12.65
N HIS A 70 -2.19 19.43 11.42
CA HIS A 70 -1.56 20.56 10.70
C HIS A 70 -1.37 20.10 9.25
N LYS A 71 -0.87 21.00 8.39
CA LYS A 71 -0.91 20.85 6.91
C LYS A 71 0.52 20.77 6.38
N ASN A 72 1.47 20.39 7.23
CA ASN A 72 2.92 20.55 6.98
C ASN A 72 3.52 19.20 6.59
N ASN A 73 2.73 18.31 6.01
CA ASN A 73 3.10 16.88 5.92
C ASN A 73 3.76 16.54 4.56
N GLU A 74 3.71 17.44 3.59
CA GLU A 74 4.10 17.22 2.17
C GLU A 74 5.46 17.89 1.89
N ARG A 75 6.39 17.20 1.20
CA ARG A 75 7.63 17.78 0.64
C ARG A 75 7.82 17.34 -0.83
N LEU A 76 8.55 18.15 -1.59
CA LEU A 76 8.91 17.87 -2.99
C LEU A 76 10.31 17.26 -3.00
N LEU A 77 10.41 15.99 -3.39
CA LEU A 77 11.69 15.25 -3.30
C LEU A 77 11.96 14.56 -4.63
N PHE A 78 13.15 13.97 -4.75
CA PHE A 78 13.66 13.47 -6.05
C PHE A 78 13.83 11.97 -5.93
N HIS A 79 13.45 11.25 -6.97
CA HIS A 79 13.73 9.79 -7.00
C HIS A 79 14.44 9.47 -8.32
N GLY A 80 15.68 9.00 -8.26
CA GLY A 80 16.42 8.47 -9.43
C GLY A 80 16.09 7.01 -9.61
N THR A 81 15.91 6.56 -10.83
CA THR A 81 15.63 5.13 -11.12
C THR A 81 16.14 4.74 -12.51
N ASP A 82 16.18 3.44 -12.78
CA ASP A 82 16.55 2.87 -14.11
C ASP A 82 15.35 2.96 -15.05
N ALA A 83 15.65 3.02 -16.34
CA ALA A 83 14.68 3.09 -17.47
C ALA A 83 13.64 1.97 -17.35
N ASP A 84 14.03 0.77 -16.95
CA ASP A 84 13.09 -0.40 -16.92
C ASP A 84 12.04 -0.24 -15.79
N SER A 85 12.25 0.66 -14.81
CA SER A 85 11.31 0.93 -13.68
C SER A 85 10.32 2.07 -14.01
N VAL A 86 10.58 2.87 -15.02
CA VAL A 86 9.79 4.09 -15.36
C VAL A 86 8.33 3.72 -15.66
N PRO A 87 8.03 2.78 -16.60
CA PRO A 87 6.64 2.40 -16.90
C PRO A 87 5.87 1.97 -15.63
N TYR A 88 6.47 1.12 -14.81
CA TYR A 88 5.88 0.73 -13.50
C TYR A 88 5.58 1.97 -12.62
N VAL A 89 6.58 2.82 -12.36
CA VAL A 89 6.39 4.00 -11.49
C VAL A 89 5.28 4.88 -12.05
N ASN A 90 5.29 5.16 -13.33
CA ASN A 90 4.30 6.04 -14.00
C ASN A 90 2.89 5.57 -13.70
N GLN A 91 2.67 4.27 -13.80
CA GLN A 91 1.31 3.66 -13.67
CA GLN A 91 1.34 3.59 -13.68
C GLN A 91 1.05 3.25 -12.20
N HIS A 92 2.03 2.73 -11.47
CA HIS A 92 1.76 2.16 -10.12
C HIS A 92 2.43 2.93 -8.96
N GLY A 93 3.24 3.94 -9.23
CA GLY A 93 3.96 4.69 -8.18
C GLY A 93 5.11 3.89 -7.60
N PHE A 94 5.42 4.14 -6.32
CA PHE A 94 6.60 3.63 -5.58
C PHE A 94 6.20 2.39 -4.78
N ASN A 95 6.94 1.30 -4.94
CA ASN A 95 6.67 0.00 -4.30
C ASN A 95 7.95 -0.43 -3.58
N ARG A 96 7.87 -0.51 -2.25
CA ARG A 96 9.01 -0.87 -1.36
C ARG A 96 9.50 -2.28 -1.68
N SER A 97 8.64 -3.13 -2.25
CA SER A 97 8.89 -4.57 -2.56
C SER A 97 9.79 -4.73 -3.77
N CYS A 98 9.85 -3.72 -4.66
CA CYS A 98 10.72 -3.75 -5.88
C CYS A 98 12.20 -3.74 -5.43
N ALA A 99 12.53 -3.02 -4.36
CA ALA A 99 13.80 -3.13 -3.59
C ALA A 99 14.94 -2.44 -4.36
N LYS A 101 18.51 -3.59 -5.29
CA LYS A 101 19.60 -2.97 -6.10
C LYS A 101 20.60 -2.24 -5.19
N ASN A 102 20.11 -1.29 -4.37
CA ASN A 102 20.91 -0.31 -3.59
C ASN A 102 20.70 -0.52 -2.10
N ALA A 103 21.47 0.21 -1.27
CA ALA A 103 21.41 0.18 0.21
C ALA A 103 19.99 0.46 0.72
N VAL A 104 19.69 -0.09 1.90
CA VAL A 104 18.44 0.07 2.69
C VAL A 104 18.86 0.32 4.16
N SER A 105 19.86 1.17 4.29
CA SER A 105 20.54 1.60 5.52
C SER A 105 19.54 2.15 6.54
N TYR A 106 18.50 2.87 6.13
CA TYR A 106 17.56 3.52 7.08
C TYR A 106 16.18 2.84 6.98
N GLY A 107 16.12 1.65 6.38
CA GLY A 107 14.91 0.79 6.40
C GLY A 107 14.49 0.31 5.04
N LYS A 108 13.56 -0.65 4.99
CA LYS A 108 13.06 -1.26 3.73
C LYS A 108 11.80 -0.52 3.26
N GLY A 109 11.97 0.74 2.89
CA GLY A 109 10.98 1.55 2.15
C GLY A 109 11.54 2.07 0.84
N THR A 110 10.90 3.11 0.32
CA THR A 110 11.32 3.82 -0.90
C THR A 110 12.05 5.09 -0.45
N TYR A 111 13.17 5.35 -1.08
CA TYR A 111 14.13 6.40 -0.71
C TYR A 111 13.83 7.58 -1.63
N PHE A 112 13.91 8.80 -1.10
CA PHE A 112 13.75 10.08 -1.83
C PHE A 112 14.84 11.04 -1.31
N ALA A 113 15.40 11.89 -2.18
CA ALA A 113 16.48 12.85 -1.87
C ALA A 113 15.92 14.26 -1.80
N VAL A 114 16.45 15.08 -0.90
CA VAL A 114 16.21 16.55 -0.86
C VAL A 114 16.80 17.16 -2.14
N ASP A 115 17.98 16.73 -2.54
CA ASP A 115 18.77 17.35 -3.63
C ASP A 115 18.76 16.43 -4.83
N ALA A 116 18.50 16.98 -6.03
CA ALA A 116 18.57 16.26 -7.31
C ALA A 116 19.95 15.60 -7.52
N SER A 117 21.04 16.28 -7.16
CA SER A 117 22.42 15.77 -7.27
C SER A 117 22.54 14.38 -6.64
N TYR A 118 21.80 14.10 -5.55
CA TYR A 118 21.85 12.77 -4.88
C TYR A 118 21.24 11.71 -5.80
N SER A 119 20.05 11.96 -6.36
CA SER A 119 19.28 11.04 -7.23
C SER A 119 19.99 10.92 -8.59
N ALA A 120 20.85 11.89 -8.90
CA ALA A 120 21.56 12.02 -10.20
C ALA A 120 22.74 11.04 -10.30
N LYS A 121 23.18 10.46 -9.19
CA LYS A 121 24.17 9.36 -9.14
C LYS A 121 23.65 8.17 -9.98
N ASP A 122 24.57 7.57 -10.72
CA ASP A 122 24.31 6.46 -11.67
C ASP A 122 23.79 5.22 -10.94
N THR A 123 24.12 5.02 -9.65
CA THR A 123 23.62 3.88 -8.83
C THR A 123 22.10 3.93 -8.83
N TYR A 124 21.54 5.14 -8.88
CA TYR A 124 20.08 5.44 -8.78
C TYR A 124 19.52 5.72 -10.18
N SER A 125 19.82 6.89 -10.76
CA SER A 125 19.39 7.24 -12.14
C SER A 125 20.39 6.58 -13.12
N LYS A 126 20.23 5.28 -13.33
CA LYS A 126 21.18 4.46 -14.13
C LYS A 126 21.11 4.88 -15.60
N PRO A 127 22.23 5.30 -16.21
CA PRO A 127 22.26 5.61 -17.64
C PRO A 127 21.84 4.37 -18.45
N ASP A 128 20.98 4.54 -19.44
CA ASP A 128 20.71 3.49 -20.46
C ASP A 128 21.82 3.54 -21.51
N SER A 129 21.64 2.81 -22.62
CA SER A 129 22.57 2.78 -23.78
C SER A 129 22.95 4.22 -24.16
N ASN A 130 21.93 5.01 -24.49
CA ASN A 130 22.04 6.36 -25.11
C ASN A 130 22.58 7.38 -24.09
N GLY A 131 22.85 6.96 -22.84
CA GLY A 131 23.37 7.83 -21.75
C GLY A 131 22.24 8.56 -21.06
N ARG A 132 21.00 8.12 -21.27
CA ARG A 132 19.80 8.82 -20.74
C ARG A 132 19.54 8.40 -19.29
N LYS A 133 19.35 9.40 -18.42
CA LYS A 133 19.10 9.29 -16.96
C LYS A 133 17.67 9.77 -16.67
N HIS A 134 17.04 9.19 -15.65
CA HIS A 134 15.62 9.41 -15.30
C HIS A 134 15.50 9.71 -13.80
N MET A 135 14.78 10.79 -13.48
CA MET A 135 14.57 11.21 -12.08
C MET A 135 13.15 11.76 -11.99
N TYR A 136 12.41 11.29 -11.00
CA TYR A 136 11.06 11.81 -10.69
C TYR A 136 11.20 12.97 -9.73
N VAL A 137 10.35 13.98 -9.90
CA VAL A 137 9.99 14.98 -8.86
C VAL A 137 8.71 14.47 -8.25
N VAL A 138 8.72 14.27 -6.94
CA VAL A 138 7.74 13.41 -6.23
C VAL A 138 7.18 14.23 -5.10
N ARG A 139 5.85 14.29 -4.99
CA ARG A 139 5.17 14.76 -3.76
C ARG A 139 5.25 13.63 -2.73
N VAL A 140 5.90 13.88 -1.61
CA VAL A 140 6.06 12.83 -0.55
C VAL A 140 5.46 13.30 0.76
N LEU A 141 4.66 12.42 1.36
CA LEU A 141 4.00 12.68 2.67
C LEU A 141 4.98 12.27 3.78
N THR A 142 5.97 13.14 4.02
CA THR A 142 7.03 12.95 5.04
C THR A 142 6.44 13.06 6.45
N GLY A 143 5.40 13.86 6.63
CA GLY A 143 4.76 14.08 7.95
C GLY A 143 5.76 14.30 9.09
N VAL A 144 5.49 13.69 10.25
CA VAL A 144 6.42 13.73 11.41
C VAL A 144 7.40 12.58 11.20
N PHE A 145 8.68 12.88 11.24
CA PHE A 145 9.79 11.94 10.91
C PHE A 145 10.74 11.80 12.10
N THR A 146 11.51 10.73 12.10
CA THR A 146 12.56 10.44 13.09
C THR A 146 13.75 9.88 12.32
N LYS A 147 14.89 9.74 12.99
CA LYS A 147 16.05 9.02 12.43
C LYS A 147 15.70 7.54 12.13
N GLY A 148 16.02 7.08 10.93
CA GLY A 148 15.83 5.66 10.56
C GLY A 148 17.02 4.82 10.98
N ARG A 149 16.95 3.52 10.74
CA ARG A 149 18.05 2.55 10.99
C ARG A 149 17.75 1.31 10.14
N ALA A 150 18.75 0.46 9.95
CA ALA A 150 18.65 -0.72 9.08
C ALA A 150 17.56 -1.67 9.60
N GLY A 151 16.84 -2.33 8.70
CA GLY A 151 15.89 -3.40 9.06
C GLY A 151 14.48 -2.92 9.42
N LEU A 152 14.22 -1.62 9.55
CA LEU A 152 12.82 -1.11 9.72
C LEU A 152 11.93 -1.59 8.56
N VAL A 153 10.77 -2.15 8.84
CA VAL A 153 9.71 -2.51 7.84
C VAL A 153 8.59 -1.45 7.88
N THR A 154 8.52 -0.67 8.95
CA THR A 154 7.63 0.51 9.08
C THR A 154 8.41 1.56 9.85
N PRO A 155 7.95 2.82 9.93
CA PRO A 155 8.63 3.80 10.79
C PRO A 155 8.45 3.30 12.23
N PRO A 156 9.29 3.76 13.17
CA PRO A 156 9.11 3.42 14.59
C PRO A 156 7.83 4.02 15.18
N PRO A 157 7.36 3.49 16.32
CA PRO A 157 6.34 4.20 17.10
C PRO A 157 6.83 5.55 17.65
N LYS A 158 5.91 6.51 17.77
CA LYS A 158 6.20 7.87 18.32
C LYS A 158 6.41 7.79 19.84
N ASN A 159 5.72 6.87 20.52
CA ASN A 159 5.97 6.54 21.95
C ASN A 159 5.85 5.03 22.11
N PRO A 160 6.94 4.32 22.52
CA PRO A 160 6.88 2.87 22.74
C PRO A 160 5.72 2.37 23.63
N HIS A 161 5.15 3.23 24.49
CA HIS A 161 3.89 3.00 25.25
C HIS A 161 2.70 2.80 24.30
N ASN A 162 2.71 3.46 23.15
CA ASN A 162 1.68 3.31 22.09
C ASN A 162 2.34 2.81 20.80
N PRO A 163 2.62 1.50 20.69
CA PRO A 163 3.45 1.00 19.60
C PRO A 163 2.85 1.15 18.20
N THR A 164 1.55 1.49 18.07
CA THR A 164 0.83 1.56 16.77
C THR A 164 0.71 3.01 16.28
N ASP A 165 0.92 4.00 17.13
CA ASP A 165 1.03 5.44 16.75
C ASP A 165 2.43 5.68 16.19
N LEU A 166 2.59 5.61 14.86
CA LEU A 166 3.93 5.61 14.20
C LEU A 166 4.29 7.01 13.69
N PHE A 167 5.58 7.29 13.55
CA PHE A 167 6.07 8.38 12.70
C PHE A 167 5.56 8.14 11.27
N ASP A 168 5.54 9.16 10.43
CA ASP A 168 5.07 9.03 9.02
C ASP A 168 6.21 8.58 8.09
N SER A 169 7.44 8.99 8.41
CA SER A 169 8.66 8.73 7.62
C SER A 169 9.87 8.68 8.55
N VAL A 170 10.98 8.15 8.05
CA VAL A 170 12.31 8.25 8.71
C VAL A 170 13.23 9.03 7.79
N THR A 171 14.32 9.53 8.35
CA THR A 171 15.37 10.28 7.62
C THR A 171 16.75 9.80 8.08
N ASN A 172 17.80 10.30 7.44
CA ASN A 172 19.23 10.07 7.81
C ASN A 172 19.63 11.02 8.95
N ASN A 173 19.00 12.19 9.01
CA ASN A 173 19.41 13.28 9.94
C ASN A 173 18.23 14.23 10.10
N THR A 174 17.69 14.31 11.32
CA THR A 174 16.44 15.02 11.65
C THR A 174 16.69 16.52 11.67
N ARG A 175 17.88 16.96 12.06
CA ARG A 175 18.19 18.40 12.11
C ARG A 175 18.40 18.93 10.68
N SER A 176 19.12 18.20 9.83
CA SER A 176 19.33 18.58 8.41
C SER A 176 19.19 17.38 7.48
N PRO A 177 17.96 16.99 7.11
CA PRO A 177 17.74 15.76 6.34
C PRO A 177 18.11 15.91 4.86
N LYS A 178 18.71 14.88 4.28
CA LYS A 178 19.00 14.81 2.83
C LYS A 178 18.26 13.64 2.20
N LEU A 179 17.60 12.81 3.00
CA LEU A 179 16.80 11.72 2.44
C LEU A 179 15.70 11.29 3.41
N PHE A 180 14.65 10.72 2.82
CA PHE A 180 13.43 10.28 3.52
C PHE A 180 13.04 8.93 2.95
N VAL A 181 12.52 8.09 3.82
CA VAL A 181 12.08 6.72 3.47
C VAL A 181 10.63 6.67 3.94
N VAL A 182 9.76 6.25 3.02
CA VAL A 182 8.33 5.99 3.31
C VAL A 182 8.12 4.51 3.04
N PHE A 183 7.19 3.91 3.76
CA PHE A 183 7.04 2.45 3.95
C PHE A 183 5.64 1.98 3.55
N PHE A 184 4.80 2.89 3.03
CA PHE A 184 3.41 2.61 2.62
C PHE A 184 3.17 3.09 1.18
N ASP A 185 2.38 2.31 0.46
CA ASP A 185 1.87 2.62 -0.88
C ASP A 185 1.11 3.94 -0.75
N ASN A 186 1.18 4.78 -1.77
CA ASN A 186 0.31 5.98 -1.88
C ASN A 186 0.75 7.06 -0.88
N GLN A 187 2.00 7.01 -0.40
CA GLN A 187 2.57 8.07 0.46
C GLN A 187 3.44 8.98 -0.40
N ALA A 188 3.59 8.65 -1.69
CA ALA A 188 4.38 9.39 -2.69
C ALA A 188 3.60 9.42 -4.00
N TYR A 189 3.46 10.59 -4.60
CA TYR A 189 2.89 10.72 -5.96
C TYR A 189 4.01 11.21 -6.88
N PRO A 190 4.31 10.45 -7.96
CA PRO A 190 5.34 10.87 -8.92
C PRO A 190 4.74 11.97 -9.80
N GLU A 191 5.19 13.21 -9.67
CA GLU A 191 4.54 14.36 -10.32
C GLU A 191 5.19 14.70 -11.66
N TYR A 192 6.54 14.69 -11.76
CA TYR A 192 7.27 14.96 -13.03
C TYR A 192 8.37 13.93 -13.23
N LEU A 193 8.67 13.61 -14.49
CA LEU A 193 9.78 12.72 -14.89
C LEU A 193 10.74 13.56 -15.72
N ILE A 194 11.96 13.71 -15.22
CA ILE A 194 13.03 14.46 -15.91
C ILE A 194 13.93 13.43 -16.58
N THR A 195 14.07 13.55 -17.90
CA THR A 195 15.03 12.82 -18.74
C THR A 195 16.18 13.78 -19.04
N PHE A 196 17.40 13.37 -18.70
CA PHE A 196 18.62 14.22 -18.73
C PHE A 196 19.86 13.36 -18.96
N THR A 197 20.99 14.00 -19.20
CA THR A 197 22.27 13.30 -19.48
C THR A 197 23.38 14.01 -18.73
N ALA A 198 24.41 13.24 -18.38
CA ALA A 198 25.62 13.68 -17.66
C ALA A 198 26.21 14.91 -18.37
N ASN B 1 -18.51 8.88 4.06
CA ASN B 1 -18.40 7.53 3.44
C ASN B 1 -18.66 6.40 4.44
N LEU B 2 -18.51 6.63 5.76
CA LEU B 2 -18.53 5.54 6.77
C LEU B 2 -19.92 4.92 6.81
N PRO B 3 -20.05 3.57 6.78
CA PRO B 3 -21.36 2.92 6.60
C PRO B 3 -22.33 3.24 7.76
N GLU B 4 -23.63 3.44 7.47
CA GLU B 4 -24.61 4.05 8.43
C GLU B 4 -24.97 3.10 9.58
N HIS B 5 -24.75 1.80 9.45
CA HIS B 5 -24.97 0.80 10.52
C HIS B 5 -23.74 0.73 11.44
N TRP B 6 -22.67 1.47 11.15
CA TRP B 6 -21.58 1.57 12.16
C TRP B 6 -22.12 2.32 13.37
N THR B 7 -21.68 1.90 14.55
CA THR B 7 -21.69 2.72 15.80
C THR B 7 -21.11 4.08 15.50
N ASP B 8 -21.68 5.16 16.02
CA ASP B 8 -21.04 6.49 15.97
C ASP B 8 -19.78 6.41 16.84
N MET B 9 -18.68 6.96 16.34
CA MET B 9 -17.35 6.86 17.01
C MET B 9 -16.96 8.17 17.67
N ASN B 10 -17.87 9.15 17.81
CA ASN B 10 -17.60 10.39 18.59
C ASN B 10 -16.44 11.15 17.95
N HIS B 11 -16.48 11.29 16.62
CA HIS B 11 -15.39 11.92 15.84
C HIS B 11 -14.10 11.08 15.90
N GLN B 12 -14.08 9.96 16.66
CA GLN B 12 -12.90 9.08 16.79
C GLN B 12 -12.72 8.22 15.54
N LEU B 13 -11.49 7.73 15.32
CA LEU B 13 -11.02 7.20 14.02
C LEU B 13 -11.09 5.67 14.01
N PHE B 14 -11.20 5.05 15.18
CA PHE B 14 -11.13 3.58 15.32
C PHE B 14 -11.92 3.12 16.53
N CYS B 15 -12.59 1.99 16.39
CA CYS B 15 -13.10 1.23 17.56
C CYS B 15 -13.51 -0.17 17.10
N MET B 16 -13.54 -1.07 18.08
CA MET B 16 -13.97 -2.48 17.94
C MET B 16 -15.38 -2.55 18.54
N VAL B 17 -16.31 -3.15 17.80
CA VAL B 17 -17.70 -3.32 18.27
C VAL B 17 -17.99 -4.82 18.42
N GLN B 18 -18.27 -5.19 19.68
CA GLN B 18 -18.66 -6.55 20.08
C GLN B 18 -20.08 -6.85 19.60
N LEU B 19 -20.26 -7.91 18.82
CA LEU B 19 -21.54 -8.32 18.23
C LEU B 19 -22.29 -9.22 19.19
N GLU B 20 -23.61 -9.26 19.06
CA GLU B 20 -24.52 -10.09 19.89
C GLU B 20 -24.90 -11.32 19.07
N PRO B 21 -24.64 -12.55 19.59
CA PRO B 21 -25.24 -13.76 19.02
C PRO B 21 -26.76 -13.57 18.91
N GLY B 22 -27.40 -14.12 17.88
CA GLY B 22 -28.82 -13.76 17.61
C GLY B 22 -28.93 -12.70 16.52
N GLN B 23 -28.09 -11.65 16.50
CA GLN B 23 -27.92 -10.72 15.36
CA GLN B 23 -28.07 -10.74 15.34
C GLN B 23 -27.59 -11.52 14.09
N SER B 24 -28.20 -11.21 12.95
CA SER B 24 -27.82 -11.78 11.63
C SER B 24 -26.32 -11.49 11.36
N GLU B 25 -25.82 -10.32 11.79
CA GLU B 25 -24.41 -9.94 11.53
C GLU B 25 -23.44 -10.94 12.20
N TYR B 26 -23.66 -11.32 13.46
CA TYR B 26 -22.83 -12.31 14.21
C TYR B 26 -23.09 -13.70 13.61
N ASN B 27 -24.36 -14.02 13.40
CA ASN B 27 -24.76 -15.39 12.99
C ASN B 27 -24.21 -15.75 11.61
N THR B 28 -24.19 -14.85 10.63
CA THR B 28 -23.65 -15.23 9.31
CA THR B 28 -23.62 -15.17 9.28
C THR B 28 -22.14 -15.50 9.42
N ILE B 29 -21.41 -14.64 10.11
CA ILE B 29 -19.97 -14.89 10.36
C ILE B 29 -19.81 -16.21 11.11
N LYS B 30 -20.58 -16.45 12.18
CA LYS B 30 -20.42 -17.71 12.95
C LYS B 30 -20.64 -18.89 11.99
N ASP B 31 -21.65 -18.83 11.13
CA ASP B 31 -21.90 -19.93 10.15
C ASP B 31 -20.72 -20.07 9.18
N LYS B 32 -20.26 -18.96 8.63
CA LYS B 32 -19.11 -18.92 7.67
C LYS B 32 -17.92 -19.69 8.27
N PHE B 33 -17.65 -19.41 9.53
CA PHE B 33 -16.55 -19.99 10.32
C PHE B 33 -16.77 -21.49 10.57
N THR B 34 -17.92 -21.81 11.15
CA THR B 34 -18.25 -23.17 11.67
C THR B 34 -18.46 -24.11 10.50
N ARG B 35 -18.77 -23.58 9.31
CA ARG B 35 -18.87 -24.41 8.10
C ARG B 35 -17.67 -25.36 8.03
N THR B 36 -16.45 -24.92 8.37
CA THR B 36 -15.20 -25.75 8.29
C THR B 36 -14.47 -25.85 9.63
N CYS B 37 -14.85 -25.11 10.69
CA CYS B 37 -14.24 -25.22 12.05
C CYS B 37 -15.26 -25.53 13.13
N SER B 38 -16.10 -26.54 12.94
CA SER B 38 -17.14 -26.91 13.94
C SER B 38 -16.53 -27.57 15.19
N SER B 39 -15.24 -27.94 15.18
CA SER B 39 -14.52 -28.45 16.37
C SER B 39 -14.18 -27.30 17.35
N TYR B 40 -13.97 -26.07 16.86
CA TYR B 40 -13.65 -24.89 17.72
C TYR B 40 -14.93 -24.21 18.18
N ALA B 41 -14.79 -23.30 19.15
CA ALA B 41 -15.91 -22.54 19.75
C ALA B 41 -15.56 -21.05 19.76
N ILE B 42 -16.52 -20.20 19.41
CA ILE B 42 -16.29 -18.73 19.26
C ILE B 42 -16.40 -18.06 20.62
N GLU B 43 -15.40 -17.30 21.03
CA GLU B 43 -15.48 -16.49 22.27
C GLU B 43 -16.26 -15.21 21.95
N LYS B 44 -15.89 -14.52 20.86
CA LYS B 44 -16.54 -13.26 20.46
C LYS B 44 -16.15 -12.85 19.03
N ILE B 45 -17.01 -12.02 18.45
CA ILE B 45 -16.83 -11.44 17.09
C ILE B 45 -16.96 -9.93 17.25
N GLU B 46 -15.87 -9.25 16.94
CA GLU B 46 -15.78 -7.78 17.01
C GLU B 46 -15.84 -7.25 15.59
N ARG B 47 -16.69 -6.25 15.35
CA ARG B 47 -16.69 -5.47 14.09
CA ARG B 47 -16.69 -5.47 14.09
C ARG B 47 -15.59 -4.43 14.19
N ILE B 48 -14.73 -4.38 13.16
CA ILE B 48 -13.59 -3.42 13.07
C ILE B 48 -14.10 -2.18 12.32
N GLN B 49 -14.19 -1.07 13.04
CA GLN B 49 -14.55 0.28 12.55
C GLN B 49 -13.25 1.10 12.49
N ASN B 50 -12.57 1.02 11.35
CA ASN B 50 -11.31 1.76 11.08
C ASN B 50 -11.54 2.72 9.92
N ALA B 51 -11.80 3.98 10.22
CA ALA B 51 -12.26 5.03 9.29
C ALA B 51 -11.29 5.17 8.12
N PHE B 52 -10.02 5.37 8.42
CA PHE B 52 -8.92 5.59 7.45
C PHE B 52 -8.73 4.36 6.58
N LEU B 53 -8.71 3.19 7.19
CA LEU B 53 -8.49 1.94 6.42
C LEU B 53 -9.68 1.76 5.48
N TRP B 54 -10.87 2.07 5.97
CA TRP B 54 -12.13 1.90 5.20
C TRP B 54 -12.05 2.77 3.94
N GLN B 55 -11.70 4.06 4.09
CA GLN B 55 -11.65 5.04 2.98
C GLN B 55 -10.68 4.58 1.89
N SER B 56 -9.44 4.26 2.29
CA SER B 56 -8.39 3.71 1.39
C SER B 56 -8.89 2.46 0.67
N TYR B 57 -9.40 1.48 1.40
CA TYR B 57 -9.99 0.27 0.78
C TYR B 57 -11.04 0.68 -0.22
N GLN B 58 -11.96 1.57 0.16
CA GLN B 58 -13.10 1.87 -0.73
C GLN B 58 -12.60 2.58 -1.98
N VAL B 59 -11.59 3.46 -1.89
CA VAL B 59 -10.95 4.09 -3.07
C VAL B 59 -10.36 3.00 -3.99
N LYS B 60 -9.59 2.06 -3.42
CA LYS B 60 -9.00 0.95 -4.20
C LYS B 60 -10.14 0.11 -4.82
N LYS B 61 -11.25 -0.13 -4.12
CA LYS B 61 -12.40 -0.92 -4.66
C LYS B 61 -13.02 -0.24 -5.90
N ARG B 62 -13.34 1.06 -5.76
CA ARG B 62 -13.98 1.87 -6.84
C ARG B 62 -13.06 1.84 -8.07
N GLN B 63 -11.76 2.04 -7.88
CA GLN B 63 -10.72 2.00 -8.95
C GLN B 63 -10.77 0.65 -9.67
N MET B 64 -10.89 -0.44 -8.93
CA MET B 64 -10.82 -1.79 -9.55
C MET B 64 -12.16 -2.08 -10.24
N ASP B 65 -13.29 -1.66 -9.67
CA ASP B 65 -14.64 -1.77 -10.31
C ASP B 65 -14.66 -0.99 -11.65
N ILE B 66 -14.04 0.21 -11.71
CA ILE B 66 -13.84 0.98 -12.97
C ILE B 66 -12.93 0.19 -13.92
N LYS B 67 -11.73 -0.26 -13.48
CA LYS B 67 -10.71 -0.88 -14.35
C LYS B 67 -11.23 -2.19 -14.98
N ASN B 68 -11.97 -2.99 -14.21
CA ASN B 68 -12.30 -4.38 -14.57
C ASN B 68 -13.70 -4.44 -15.16
N ASP B 69 -14.47 -3.37 -14.97
CA ASP B 69 -15.92 -3.30 -15.25
C ASP B 69 -16.65 -4.40 -14.49
N HIS B 70 -17.56 -5.09 -15.19
CA HIS B 70 -18.60 -5.94 -14.58
C HIS B 70 -17.89 -7.18 -14.02
N LYS B 71 -17.27 -7.01 -12.85
CA LYS B 71 -16.65 -8.11 -12.08
C LYS B 71 -17.07 -8.02 -10.61
N ASN B 72 -17.26 -9.18 -10.00
CA ASN B 72 -17.22 -9.34 -8.53
C ASN B 72 -15.72 -9.30 -8.20
N ASN B 73 -15.22 -8.13 -7.84
CA ASN B 73 -13.79 -7.93 -7.50
C ASN B 73 -13.55 -8.32 -6.03
N GLU B 74 -14.61 -8.43 -5.23
CA GLU B 74 -14.45 -8.51 -3.75
C GLU B 74 -14.90 -9.87 -3.25
N ARG B 75 -14.04 -10.50 -2.46
CA ARG B 75 -14.32 -11.75 -1.75
C ARG B 75 -14.21 -11.51 -0.25
N LEU B 76 -14.96 -12.31 0.48
CA LEU B 76 -14.88 -12.33 1.96
C LEU B 76 -14.01 -13.51 2.38
N LEU B 77 -12.83 -13.23 2.94
CA LEU B 77 -11.85 -14.31 3.20
C LEU B 77 -11.37 -14.29 4.67
N PHE B 78 -10.61 -15.31 5.06
CA PHE B 78 -10.12 -15.48 6.45
C PHE B 78 -8.61 -15.20 6.50
N HIS B 79 -8.17 -14.67 7.64
CA HIS B 79 -6.72 -14.45 7.93
C HIS B 79 -6.43 -14.76 9.41
N GLY B 80 -5.74 -15.87 9.69
CA GLY B 80 -5.32 -16.19 11.05
C GLY B 80 -4.05 -15.41 11.36
N THR B 81 -3.91 -14.87 12.55
CA THR B 81 -2.62 -14.29 12.99
C THR B 81 -2.43 -14.46 14.51
N ASP B 82 -1.23 -14.15 15.01
CA ASP B 82 -0.87 -14.20 16.44
C ASP B 82 -1.42 -12.93 17.14
N ALA B 83 -1.58 -13.02 18.45
CA ALA B 83 -2.05 -11.96 19.36
C ALA B 83 -1.20 -10.72 19.17
N ASP B 84 0.12 -10.86 18.95
CA ASP B 84 1.03 -9.69 18.97
C ASP B 84 0.80 -8.83 17.72
N SER B 85 0.13 -9.36 16.70
CA SER B 85 -0.13 -8.64 15.41
C SER B 85 -1.52 -7.96 15.41
N VAL B 86 -2.45 -8.41 16.25
CA VAL B 86 -3.86 -7.93 16.24
C VAL B 86 -3.86 -6.40 16.36
N PRO B 87 -3.15 -5.80 17.35
CA PRO B 87 -3.17 -4.34 17.50
C PRO B 87 -2.73 -3.62 16.20
N TYR B 88 -1.63 -4.05 15.58
CA TYR B 88 -1.12 -3.46 14.32
C TYR B 88 -2.18 -3.63 13.22
N VAL B 89 -2.70 -4.85 13.03
CA VAL B 89 -3.66 -5.11 11.91
C VAL B 89 -4.93 -4.25 12.12
N ASN B 90 -5.40 -4.16 13.36
CA ASN B 90 -6.61 -3.37 13.72
C ASN B 90 -6.42 -1.92 13.30
N GLN B 91 -5.26 -1.36 13.60
CA GLN B 91 -4.93 0.06 13.34
C GLN B 91 -4.54 0.23 11.87
N HIS B 92 -3.69 -0.63 11.32
CA HIS B 92 -2.94 -0.31 10.07
C HIS B 92 -3.22 -1.32 8.96
N GLY B 93 -3.91 -2.41 9.26
CA GLY B 93 -4.27 -3.50 8.31
C GLY B 93 -3.09 -4.44 8.03
N PHE B 94 -3.03 -4.98 6.81
CA PHE B 94 -2.18 -6.11 6.42
C PHE B 94 -0.99 -5.59 5.62
N ASN B 95 0.20 -5.84 6.16
CA ASN B 95 1.48 -5.32 5.63
C ASN B 95 2.26 -6.51 5.11
N ARG B 96 2.39 -6.63 3.78
CA ARG B 96 3.08 -7.75 3.10
C ARG B 96 4.52 -7.89 3.59
N SER B 97 5.13 -6.78 4.02
CA SER B 97 6.49 -6.68 4.61
C SER B 97 6.59 -7.51 5.90
N CYS B 98 5.48 -7.77 6.57
CA CYS B 98 5.40 -8.53 7.84
C CYS B 98 5.05 -10.00 7.57
N ALA B 99 4.60 -10.34 6.34
CA ALA B 99 3.92 -11.63 6.07
C ALA B 99 4.87 -12.79 6.34
N GLY B 100 4.32 -13.88 6.90
CA GLY B 100 5.09 -15.13 7.03
C GLY B 100 5.25 -15.76 5.66
N LYS B 101 6.32 -16.51 5.44
CA LYS B 101 6.37 -17.41 4.26
C LYS B 101 5.33 -18.50 4.50
N ASN B 102 4.45 -18.70 3.53
CA ASN B 102 3.39 -19.74 3.60
C ASN B 102 4.03 -21.10 3.30
N ALA B 103 3.44 -22.19 3.79
CA ALA B 103 3.97 -23.57 3.61
C ALA B 103 3.97 -23.93 2.10
N VAL B 104 2.97 -23.48 1.38
CA VAL B 104 2.99 -23.51 -0.12
C VAL B 104 2.99 -22.07 -0.58
N SER B 105 4.12 -21.59 -1.09
CA SER B 105 4.25 -20.15 -1.40
C SER B 105 3.83 -19.95 -2.84
N TYR B 106 2.79 -19.13 -3.05
CA TYR B 106 2.39 -18.67 -4.41
C TYR B 106 2.70 -17.19 -4.56
N GLY B 107 3.60 -16.70 -3.72
CA GLY B 107 4.24 -15.39 -3.87
C GLY B 107 4.49 -14.74 -2.55
N LYS B 108 5.27 -13.66 -2.55
CA LYS B 108 5.65 -12.84 -1.37
C LYS B 108 4.58 -11.77 -1.13
N GLY B 109 3.48 -12.14 -0.50
CA GLY B 109 2.39 -11.19 -0.18
C GLY B 109 1.57 -11.63 1.01
N THR B 110 0.45 -10.94 1.23
CA THR B 110 -0.45 -11.24 2.36
C THR B 110 -1.44 -12.29 1.86
N TYR B 111 -1.54 -13.38 2.64
CA TYR B 111 -2.34 -14.59 2.31
C TYR B 111 -3.70 -14.46 3.01
N PHE B 112 -4.71 -14.93 2.29
CA PHE B 112 -6.12 -15.00 2.71
C PHE B 112 -6.66 -16.35 2.26
N ALA B 113 -7.43 -17.01 3.12
CA ALA B 113 -7.98 -18.37 2.88
C ALA B 113 -9.47 -18.28 2.59
N VAL B 114 -9.99 -19.21 1.79
CA VAL B 114 -11.45 -19.38 1.50
C VAL B 114 -12.11 -19.98 2.74
N ASP B 115 -11.43 -20.93 3.37
CA ASP B 115 -11.96 -21.77 4.47
C ASP B 115 -11.32 -21.35 5.78
N ALA B 116 -12.17 -21.03 6.76
CA ALA B 116 -11.78 -20.78 8.16
C ALA B 116 -10.85 -21.89 8.65
N SER B 117 -11.13 -23.17 8.35
CA SER B 117 -10.31 -24.35 8.74
C SER B 117 -8.82 -24.12 8.43
N TYR B 118 -8.47 -23.50 7.30
CA TYR B 118 -7.05 -23.29 6.90
C TYR B 118 -6.42 -22.24 7.84
N SER B 119 -7.10 -21.11 8.05
CA SER B 119 -6.67 -20.02 8.97
C SER B 119 -6.66 -20.51 10.43
N ALA B 120 -7.41 -21.57 10.75
CA ALA B 120 -7.56 -22.05 12.15
C ALA B 120 -6.29 -22.77 12.63
N LYS B 121 -5.38 -23.16 11.72
CA LYS B 121 -4.13 -23.90 12.04
C LYS B 121 -3.25 -23.04 12.95
N ASP B 122 -2.64 -23.70 13.93
CA ASP B 122 -1.82 -23.09 14.99
C ASP B 122 -0.69 -22.26 14.37
N THR B 123 -0.29 -22.62 13.15
CA THR B 123 0.82 -21.95 12.43
C THR B 123 0.42 -20.52 12.05
N TYR B 124 -0.87 -20.20 11.88
CA TYR B 124 -1.34 -18.82 11.55
C TYR B 124 -2.04 -18.20 12.76
N SER B 125 -3.19 -18.76 13.12
CA SER B 125 -3.95 -18.35 14.31
C SER B 125 -3.29 -18.95 15.54
N LYS B 126 -2.10 -18.46 15.89
CA LYS B 126 -1.28 -19.01 17.00
C LYS B 126 -1.96 -18.76 18.35
N PRO B 127 -2.19 -19.84 19.14
CA PRO B 127 -2.74 -19.71 20.49
C PRO B 127 -1.92 -18.77 21.39
N ASP B 128 -2.58 -17.85 22.07
CA ASP B 128 -1.85 -16.95 23.00
C ASP B 128 -1.69 -17.69 24.33
N SER B 129 -1.03 -17.03 25.28
CA SER B 129 -0.80 -17.49 26.68
C SER B 129 -2.08 -18.08 27.31
N ASN B 130 -3.28 -17.55 26.99
CA ASN B 130 -4.58 -18.05 27.55
C ASN B 130 -5.31 -19.01 26.61
N GLY B 131 -4.67 -19.50 25.55
CA GLY B 131 -5.31 -20.45 24.63
C GLY B 131 -6.23 -19.78 23.62
N ARG B 132 -6.14 -18.46 23.47
CA ARG B 132 -7.06 -17.74 22.55
C ARG B 132 -6.40 -17.69 21.18
N LYS B 133 -7.14 -18.12 20.15
CA LYS B 133 -6.74 -17.97 18.71
C LYS B 133 -7.48 -16.76 18.09
N HIS B 134 -6.95 -16.19 17.00
CA HIS B 134 -7.47 -14.94 16.40
C HIS B 134 -7.49 -15.09 14.90
N MET B 135 -8.63 -14.79 14.30
CA MET B 135 -8.86 -14.91 12.86
C MET B 135 -9.61 -13.66 12.42
N TYR B 136 -9.10 -12.96 11.40
CA TYR B 136 -9.85 -11.85 10.78
C TYR B 136 -10.77 -12.42 9.70
N VAL B 137 -11.92 -11.78 9.52
CA VAL B 137 -12.78 -11.90 8.32
C VAL B 137 -12.57 -10.61 7.54
N VAL B 138 -12.26 -10.75 6.25
CA VAL B 138 -11.51 -9.75 5.47
C VAL B 138 -12.20 -9.61 4.13
N ARG B 139 -12.56 -8.37 3.79
CA ARG B 139 -12.97 -8.01 2.42
C ARG B 139 -11.67 -7.89 1.63
N VAL B 140 -11.53 -8.69 0.57
CA VAL B 140 -10.26 -8.70 -0.19
C VAL B 140 -10.56 -8.39 -1.65
N LEU B 141 -9.83 -7.45 -2.26
CA LEU B 141 -10.03 -7.13 -3.70
C LEU B 141 -9.22 -8.12 -4.52
N THR B 142 -9.80 -9.30 -4.73
CA THR B 142 -9.16 -10.42 -5.46
C THR B 142 -9.18 -10.08 -6.94
N GLY B 143 -10.23 -9.40 -7.39
CA GLY B 143 -10.28 -8.94 -8.79
C GLY B 143 -10.09 -10.08 -9.79
N VAL B 144 -9.30 -9.82 -10.82
CA VAL B 144 -8.94 -10.85 -11.82
C VAL B 144 -7.68 -11.53 -11.31
N PHE B 145 -7.68 -12.85 -11.23
CA PHE B 145 -6.50 -13.55 -10.64
C PHE B 145 -6.01 -14.68 -11.52
N THR B 146 -4.80 -15.14 -11.20
CA THR B 146 -4.11 -16.26 -11.85
C THR B 146 -3.40 -17.11 -10.79
N LYS B 147 -3.01 -18.32 -11.15
CA LYS B 147 -2.13 -19.18 -10.32
C LYS B 147 -0.83 -18.40 -10.07
N GLY B 148 -0.45 -18.18 -8.82
CA GLY B 148 0.79 -17.45 -8.55
C GLY B 148 2.01 -18.36 -8.59
N ARG B 149 3.14 -17.80 -8.18
CA ARG B 149 4.41 -18.54 -8.06
CA ARG B 149 4.46 -18.46 -8.15
C ARG B 149 5.25 -17.84 -7.00
N ALA B 150 6.08 -18.65 -6.33
CA ALA B 150 6.87 -18.34 -5.14
C ALA B 150 7.67 -17.05 -5.30
N GLY B 151 8.17 -16.73 -6.50
CA GLY B 151 9.04 -15.54 -6.73
C GLY B 151 8.29 -14.20 -6.73
N LEU B 152 6.98 -14.21 -6.94
CA LEU B 152 6.18 -12.96 -7.19
C LEU B 152 6.34 -11.99 -6.00
N VAL B 153 6.74 -10.76 -6.28
CA VAL B 153 6.72 -9.63 -5.31
C VAL B 153 5.55 -8.68 -5.65
N THR B 154 4.97 -8.81 -6.85
CA THR B 154 3.72 -8.16 -7.33
C THR B 154 2.98 -9.23 -8.12
N PRO B 155 1.68 -9.05 -8.46
CA PRO B 155 1.00 -10.01 -9.32
C PRO B 155 1.67 -9.96 -10.70
N PRO B 156 1.57 -11.04 -11.50
CA PRO B 156 2.23 -11.09 -12.79
C PRO B 156 1.44 -10.20 -13.74
N PRO B 157 2.02 -9.85 -14.91
CA PRO B 157 1.25 -9.18 -15.95
C PRO B 157 0.25 -10.14 -16.61
N LYS B 158 -0.89 -9.64 -17.09
CA LYS B 158 -1.86 -10.45 -17.88
C LYS B 158 -1.17 -10.86 -19.22
N ASN B 159 -0.23 -10.02 -19.64
CA ASN B 159 0.40 -10.07 -20.99
C ASN B 159 1.87 -9.69 -20.87
N PRO B 160 2.81 -10.62 -21.22
CA PRO B 160 4.25 -10.38 -21.07
C PRO B 160 4.72 -9.11 -21.80
N HIS B 161 4.13 -8.77 -22.96
CA HIS B 161 4.52 -7.60 -23.77
C HIS B 161 3.93 -6.31 -23.20
N ASN B 162 3.12 -6.39 -22.14
CA ASN B 162 2.65 -5.20 -21.37
C ASN B 162 2.92 -5.46 -19.88
N PRO B 163 4.20 -5.42 -19.45
CA PRO B 163 4.57 -5.73 -18.06
C PRO B 163 3.73 -5.03 -16.96
N THR B 164 3.21 -3.82 -17.19
CA THR B 164 2.58 -2.98 -16.11
C THR B 164 1.06 -3.20 -15.95
N ASP B 165 0.42 -3.96 -16.83
CA ASP B 165 -1.05 -4.24 -16.74
C ASP B 165 -1.18 -5.59 -16.04
N LEU B 166 -1.39 -5.54 -14.73
CA LEU B 166 -1.17 -6.65 -13.76
C LEU B 166 -2.51 -7.34 -13.50
N PHE B 167 -2.49 -8.63 -13.18
CA PHE B 167 -3.58 -9.27 -12.41
C PHE B 167 -3.76 -8.51 -11.08
N ASP B 168 -4.91 -8.65 -10.43
CA ASP B 168 -5.15 -7.96 -9.14
C ASP B 168 -4.66 -8.80 -7.97
N SER B 169 -4.72 -10.12 -8.09
CA SER B 169 -4.19 -11.06 -7.08
C SER B 169 -3.75 -12.35 -7.75
N VAL B 170 -3.17 -13.27 -6.97
CA VAL B 170 -2.90 -14.66 -7.41
C VAL B 170 -3.57 -15.65 -6.44
N THR B 171 -3.78 -16.87 -6.92
CA THR B 171 -4.41 -17.96 -6.14
C THR B 171 -3.53 -19.22 -6.25
N ASN B 172 -3.88 -20.25 -5.50
CA ASN B 172 -3.19 -21.56 -5.54
C ASN B 172 -3.71 -22.35 -6.74
N ASN B 173 -4.91 -22.06 -7.21
CA ASN B 173 -5.62 -22.90 -8.19
C ASN B 173 -6.81 -22.10 -8.72
N THR B 174 -6.79 -21.68 -9.98
CA THR B 174 -7.82 -20.75 -10.52
C THR B 174 -9.16 -21.48 -10.65
N ARG B 175 -9.18 -22.80 -10.85
CA ARG B 175 -10.45 -23.56 -10.97
CA ARG B 175 -10.45 -23.57 -10.98
C ARG B 175 -11.03 -23.89 -9.58
N SER B 176 -10.21 -24.08 -8.55
CA SER B 176 -10.72 -24.26 -7.15
C SER B 176 -9.91 -23.43 -6.18
N PRO B 177 -10.11 -22.10 -6.10
CA PRO B 177 -9.21 -21.25 -5.34
C PRO B 177 -9.44 -21.56 -3.86
N LYS B 178 -8.39 -21.87 -3.13
CA LYS B 178 -8.47 -21.99 -1.64
C LYS B 178 -7.61 -20.89 -0.99
N LEU B 179 -6.69 -20.26 -1.71
CA LEU B 179 -5.87 -19.19 -1.12
C LEU B 179 -5.85 -18.02 -2.09
N PHE B 180 -5.70 -16.80 -1.58
CA PHE B 180 -5.44 -15.62 -2.44
C PHE B 180 -4.29 -14.82 -1.83
N VAL B 181 -3.44 -14.29 -2.68
CA VAL B 181 -2.27 -13.48 -2.20
C VAL B 181 -2.46 -12.10 -2.78
N VAL B 182 -2.15 -11.11 -1.96
CA VAL B 182 -2.36 -9.68 -2.29
C VAL B 182 -1.06 -8.96 -2.00
N PHE B 183 -0.67 -8.03 -2.88
CA PHE B 183 0.71 -7.46 -2.96
C PHE B 183 0.69 -5.97 -2.68
N PHE B 184 -0.49 -5.36 -2.47
CA PHE B 184 -0.62 -3.89 -2.27
C PHE B 184 -1.37 -3.62 -0.96
N ASP B 185 -0.94 -2.53 -0.31
CA ASP B 185 -1.61 -1.87 0.81
C ASP B 185 -3.04 -1.50 0.38
N ASN B 186 -3.98 -1.61 1.31
CA ASN B 186 -5.35 -1.04 1.13
C ASN B 186 -6.13 -1.90 0.12
N GLN B 187 -5.77 -3.16 -0.03
CA GLN B 187 -6.42 -4.11 -0.98
C GLN B 187 -7.26 -5.10 -0.19
N ALA B 188 -7.07 -5.11 1.14
CA ALA B 188 -7.80 -5.92 2.15
C ALA B 188 -8.32 -5.02 3.27
N TYR B 189 -9.57 -5.20 3.66
CA TYR B 189 -10.14 -4.46 4.83
C TYR B 189 -10.43 -5.51 5.90
N PRO B 190 -9.77 -5.41 7.07
CA PRO B 190 -10.06 -6.33 8.18
C PRO B 190 -11.42 -5.93 8.76
N GLU B 191 -12.48 -6.71 8.55
CA GLU B 191 -13.87 -6.27 8.87
C GLU B 191 -14.31 -6.83 10.24
N TYR B 192 -13.93 -8.07 10.56
CA TYR B 192 -14.29 -8.74 11.84
C TYR B 192 -13.04 -9.44 12.38
N LEU B 193 -12.94 -9.49 13.70
CA LEU B 193 -11.92 -10.26 14.45
C LEU B 193 -12.69 -11.32 15.23
N ILE B 194 -12.47 -12.59 14.89
CA ILE B 194 -13.05 -13.74 15.60
C ILE B 194 -12.03 -14.20 16.63
N THR B 195 -12.38 -14.16 17.91
CA THR B 195 -11.56 -14.76 19.00
C THR B 195 -12.22 -16.09 19.33
N PHE B 196 -11.44 -17.18 19.33
CA PHE B 196 -11.96 -18.54 19.53
C PHE B 196 -10.91 -19.40 20.27
N THR B 197 -11.36 -20.59 20.67
CA THR B 197 -10.63 -21.54 21.53
C THR B 197 -11.03 -22.93 21.11
N ALA B 198 -10.19 -23.92 21.44
CA ALA B 198 -10.58 -25.35 21.33
C ALA B 198 -11.64 -25.64 22.41
S DMS C . 12.76 1.86 -7.59
O DMS C . 13.73 2.96 -8.00
C1 DMS C . 11.29 2.16 -8.54
C2 DMS C . 13.29 0.36 -8.39
CAO G18 D . 17.82 6.46 -3.23
CAN G18 D . 17.60 7.69 -3.86
CAH G18 D . 17.93 8.88 -3.21
CAD G18 D . 18.47 8.89 -1.93
CAF G18 D . 18.69 7.67 -1.29
CAL G18 D . 18.39 6.47 -1.95
CAC G18 D . 17.23 2.97 -4.20
CAG G18 D . 17.63 3.96 -3.37
CAM G18 D . 17.50 5.25 -3.85
CAJ G18 D . 16.97 5.32 -5.11
NAC G18 D . 16.75 6.56 -5.73
SAK G18 D . 16.67 3.63 -5.68
CAK G18 D . 17.09 7.76 -5.13
OAB G18 D . 16.90 8.81 -5.70
S DMS E . -3.93 -17.24 6.58
O DMS E . -4.80 -17.51 7.75
C1 DMS E . -2.41 -16.53 7.24
C2 DMS E . -3.34 -18.80 6.05
#